data_7KPS
#
_entry.id   7KPS
#
_cell.length_a   36.563
_cell.length_b   44.246
_cell.length_c   60.183
_cell.angle_alpha   97.940
_cell.angle_beta   106.720
_cell.angle_gamma   89.920
#
_symmetry.space_group_name_H-M   'P 1'
#
loop_
_entity.id
_entity.type
_entity.pdbx_description
1 polymer 'Acetyltransferase PA3944'
2 polymer 'Acetyltransferase PA3944'
3 non-polymer 'COENZYME A'
4 non-polymer 1,2-ETHANEDIOL
5 non-polymer 2-AMINO-2-HYDROXYMETHYL-PROPANE-1,3-DIOL
6 non-polymer 'ACETYL COENZYME *A'
7 non-polymer DI(HYDROXYETHYL)ETHER
8 non-polymer 'TRIETHYLENE GLYCOL'
9 water water
#
loop_
_entity_poly.entity_id
_entity_poly.type
_entity_poly.pdbx_seq_one_letter_code
_entity_poly.pdbx_strand_id
1 'polypeptide(L)'
;GHMNANLPPSAISELHGPRLLLRAWRDSDREAFAEM(CSX)ADPQVMEFFPSVLDRAQSDALVDRVQAHFAERGYGPWAL
ELPGEAAFIGFTGLFDVTMDVHFAPTVEIGWRLAPAYWGRGLAREAAETALDFAFERLRLPEVVAFTTPPNRRSWGLMER
LGMRRDPAEDFDHPLLAADHPMRRHILYRVDAARWAER
;
A
2 'polypeptide(L)'
;GHMNANLPPSAISELHGPRLLLRAWRDSDREAFAEMCADPQVMEFFPSVLDRAQSDALVDRVQAHFAERGYGPWALELPG
EAAFIGFTGLFDVTMDVHFAPTVEIGWRLAPAYWGRGLAREAAETALDFAFERLRLPEVVAFTTPPNRRSWGLMERLGMR
RDPAEDFDHPLLAADHPMRRHILYRVDAARWAER
;
B
#
loop_
_chem_comp.id
_chem_comp.type
_chem_comp.name
_chem_comp.formula
ACO non-polymer 'ACETYL COENZYME *A' 'C23 H38 N7 O17 P3 S'
COA non-polymer 'COENZYME A' 'C21 H36 N7 O16 P3 S'
EDO non-polymer 1,2-ETHANEDIOL 'C2 H6 O2'
PEG non-polymer DI(HYDROXYETHYL)ETHER 'C4 H10 O3'
PGE non-polymer 'TRIETHYLENE GLYCOL' 'C6 H14 O4'
TRS non-polymer 2-AMINO-2-HYDROXYMETHYL-PROPANE-1,3-DIOL 'C4 H12 N O3 1'
#
# COMPACT_ATOMS: atom_id res chain seq x y z
N ALA A 11 -6.62 28.26 7.09
CA ALA A 11 -7.24 27.58 5.91
C ALA A 11 -6.17 26.81 5.13
N ILE A 12 -5.64 25.74 5.72
CA ILE A 12 -4.54 24.91 5.12
C ILE A 12 -5.13 24.05 4.00
N SER A 13 -4.50 24.09 2.82
CA SER A 13 -4.91 23.30 1.61
C SER A 13 -4.56 21.83 1.82
N GLU A 14 -5.55 20.94 1.73
CA GLU A 14 -5.36 19.47 1.76
C GLU A 14 -4.91 18.99 0.37
N LEU A 15 -4.02 18.00 0.32
CA LEU A 15 -3.52 17.39 -0.95
C LEU A 15 -3.89 15.91 -0.96
N HIS A 16 -4.29 15.40 -2.13
CA HIS A 16 -4.78 14.01 -2.34
C HIS A 16 -3.81 13.24 -3.25
N GLY A 17 -3.45 12.02 -2.83
CA GLY A 17 -2.84 10.99 -3.71
C GLY A 17 -3.84 9.86 -3.93
N PRO A 18 -3.53 8.85 -4.78
CA PRO A 18 -4.41 7.71 -5.00
C PRO A 18 -4.98 7.14 -3.69
N ARG A 19 -4.13 6.99 -2.68
CA ARG A 19 -4.46 6.33 -1.39
C ARG A 19 -4.47 7.34 -0.23
N LEU A 20 -3.62 8.36 -0.27
CA LEU A 20 -3.32 9.25 0.89
C LEU A 20 -4.08 10.58 0.80
N LEU A 21 -4.44 11.11 1.98
CA LEU A 21 -4.83 12.52 2.22
C LEU A 21 -3.74 13.17 3.06
N LEU A 22 -3.07 14.19 2.50
CA LEU A 22 -2.09 15.06 3.19
C LEU A 22 -2.85 16.26 3.75
N ARG A 23 -2.97 16.37 5.07
CA ARG A 23 -3.85 17.38 5.72
C ARG A 23 -3.12 18.07 6.88
N ALA A 24 -3.75 19.11 7.41
CA ALA A 24 -3.39 19.81 8.66
C ALA A 24 -3.50 18.81 9.81
N TRP A 25 -2.65 18.99 10.84
CA TRP A 25 -2.66 18.17 12.07
C TRP A 25 -3.91 18.48 12.89
N ARG A 26 -4.34 17.52 13.71
CA ARG A 26 -5.52 17.58 14.61
C ARG A 26 -5.08 17.07 15.99
N ASP A 27 -5.73 17.53 17.06
CA ASP A 27 -5.45 17.12 18.46
C ASP A 27 -5.38 15.59 18.54
N SER A 28 -6.28 14.89 17.84
CA SER A 28 -6.44 13.41 17.87
C SER A 28 -5.24 12.69 17.22
N ASP A 29 -4.37 13.41 16.51
CA ASP A 29 -3.14 12.86 15.88
C ASP A 29 -2.03 12.72 16.93
N ARG A 30 -2.07 13.51 18.01
CA ARG A 30 -0.93 13.66 18.98
C ARG A 30 -0.67 12.34 19.70
N GLU A 31 -1.72 11.58 20.04
CA GLU A 31 -1.59 10.27 20.71
C GLU A 31 -0.84 9.30 19.79
N ALA A 32 -1.29 9.16 18.55
CA ALA A 32 -0.74 8.24 17.52
C ALA A 32 0.72 8.62 17.23
N PHE A 33 1.00 9.92 17.06
CA PHE A 33 2.35 10.46 16.75
C PHE A 33 3.30 10.21 17.94
N ALA A 34 2.80 10.36 19.17
CA ALA A 34 3.57 10.11 20.42
C ALA A 34 4.04 8.65 20.45
N GLU A 35 3.18 7.71 20.04
CA GLU A 35 3.49 6.26 19.98
C GLU A 35 4.63 6.03 18.97
N MET A 36 4.56 6.70 17.81
CA MET A 36 5.61 6.63 16.76
C MET A 36 6.93 7.15 17.31
N CSX A 37 6.90 8.29 18.00
CA CSX A 37 8.07 8.97 18.53
CB CSX A 37 7.76 10.41 18.94
SG CSX A 37 7.64 11.46 17.46
C CSX A 37 8.70 8.21 19.69
O CSX A 37 9.86 8.43 20.01
OD CSX A 37 6.36 11.09 16.79
N ALA A 38 7.91 7.32 20.33
CA ALA A 38 8.38 6.46 21.41
C ALA A 38 8.91 5.13 20.85
N ASP A 39 8.82 4.91 19.53
CA ASP A 39 9.18 3.64 18.85
C ASP A 39 10.66 3.68 18.47
N PRO A 40 11.51 2.81 19.07
CA PRO A 40 12.94 2.78 18.76
C PRO A 40 13.27 2.46 17.29
N GLN A 41 12.40 1.72 16.61
CA GLN A 41 12.55 1.38 15.17
C GLN A 41 12.28 2.63 14.32
N VAL A 42 11.27 3.43 14.68
CA VAL A 42 10.95 4.71 13.97
C VAL A 42 12.11 5.70 14.19
N MET A 43 12.66 5.76 15.41
CA MET A 43 13.59 6.82 15.87
C MET A 43 15.04 6.33 15.84
N GLU A 44 15.32 5.21 15.17
CA GLU A 44 16.63 4.51 15.21
C GLU A 44 17.77 5.47 14.82
N PHE A 45 17.58 6.25 13.75
CA PHE A 45 18.65 7.11 13.16
C PHE A 45 18.50 8.55 13.64
N PHE A 46 17.72 8.77 14.70
CA PHE A 46 17.63 10.06 15.45
C PHE A 46 18.37 9.93 16.77
N PRO A 47 18.83 11.05 17.38
CA PRO A 47 19.57 11.00 18.64
C PRO A 47 18.92 10.14 19.74
N SER A 48 17.60 10.24 19.92
CA SER A 48 16.83 9.48 20.94
C SER A 48 15.34 9.40 20.58
N VAL A 49 14.63 8.48 21.24
CA VAL A 49 13.13 8.43 21.27
C VAL A 49 12.65 9.67 22.06
N LEU A 50 11.46 10.16 21.73
CA LEU A 50 10.84 11.35 22.41
C LEU A 50 9.74 10.87 23.36
N ASP A 51 9.59 11.56 24.50
CA ASP A 51 8.44 11.40 25.42
C ASP A 51 7.27 12.22 24.85
N ARG A 52 6.11 12.17 25.51
CA ARG A 52 4.86 12.84 25.05
C ARG A 52 5.09 14.36 24.94
N ALA A 53 5.77 14.96 25.94
CA ALA A 53 6.11 16.40 25.99
C ALA A 53 6.88 16.80 24.73
N GLN A 54 7.93 16.04 24.40
CA GLN A 54 8.85 16.29 23.26
C GLN A 54 8.11 16.07 21.93
N SER A 55 7.29 15.02 21.84
CA SER A 55 6.42 14.73 20.67
C SER A 55 5.50 15.93 20.40
N ASP A 56 4.79 16.38 21.43
CA ASP A 56 3.82 17.51 21.35
C ASP A 56 4.53 18.78 20.89
N ALA A 57 5.77 19.00 21.35
CA ALA A 57 6.61 20.18 21.03
C ALA A 57 6.93 20.19 19.51
N LEU A 58 7.23 19.03 18.94
CA LEU A 58 7.48 18.87 17.48
C LEU A 58 6.20 19.24 16.71
N VAL A 59 5.03 18.76 17.17
CA VAL A 59 3.71 19.02 16.55
C VAL A 59 3.41 20.53 16.59
N ASP A 60 3.79 21.19 17.69
CA ASP A 60 3.63 22.67 17.89
C ASP A 60 4.43 23.42 16.82
N ARG A 61 5.68 23.00 16.57
CA ARG A 61 6.56 23.59 15.52
C ARG A 61 5.95 23.36 14.14
N VAL A 62 5.39 22.17 13.89
CA VAL A 62 4.71 21.84 12.61
C VAL A 62 3.56 22.84 12.38
N GLN A 63 2.69 23.00 13.40
CA GLN A 63 1.50 23.89 13.34
C GLN A 63 1.94 25.34 13.10
N ALA A 64 3.02 25.76 13.76
CA ALA A 64 3.62 27.12 13.62
C ALA A 64 4.08 27.32 12.16
N HIS A 65 4.75 26.32 11.59
CA HIS A 65 5.24 26.35 10.18
C HIS A 65 4.07 26.55 9.22
N PHE A 66 3.01 25.75 9.38
CA PHE A 66 1.74 25.83 8.59
C PHE A 66 1.11 27.22 8.72
N ALA A 67 1.04 27.75 9.95
CA ALA A 67 0.43 29.07 10.26
C ALA A 67 1.22 30.19 9.57
N GLU A 68 2.54 30.03 9.44
CA GLU A 68 3.47 31.08 8.92
CA GLU A 68 3.47 31.08 8.92
C GLU A 68 3.56 30.99 7.39
N ARG A 69 3.62 29.78 6.84
CA ARG A 69 4.02 29.51 5.42
C ARG A 69 2.87 28.96 4.56
N GLY A 70 1.82 28.42 5.17
CA GLY A 70 0.68 27.80 4.46
C GLY A 70 0.98 26.40 3.96
N TYR A 71 2.16 25.87 4.25
CA TYR A 71 2.57 24.46 3.98
C TYR A 71 3.46 23.98 5.13
N GLY A 72 3.78 22.69 5.12
CA GLY A 72 4.54 22.05 6.21
C GLY A 72 4.57 20.53 6.05
N PRO A 73 5.14 19.80 7.03
CA PRO A 73 5.04 18.35 7.04
C PRO A 73 3.59 17.91 7.30
N TRP A 74 2.82 17.66 6.23
CA TRP A 74 1.38 17.27 6.30
C TRP A 74 1.23 15.97 7.11
N ALA A 75 0.21 15.90 7.97
CA ALA A 75 -0.27 14.64 8.57
C ALA A 75 -0.77 13.73 7.44
N LEU A 76 -0.49 12.42 7.53
CA LEU A 76 -0.87 11.44 6.48
C LEU A 76 -2.09 10.64 6.97
N GLU A 77 -3.25 10.88 6.35
CA GLU A 77 -4.49 10.08 6.54
C GLU A 77 -4.60 9.10 5.38
N LEU A 78 -5.09 7.89 5.65
CA LEU A 78 -5.33 6.84 4.63
C LEU A 78 -6.82 6.53 4.60
N PRO A 79 -7.65 7.30 3.85
CA PRO A 79 -9.09 7.08 3.86
C PRO A 79 -9.44 5.62 3.51
N GLY A 80 -10.31 5.01 4.30
CA GLY A 80 -10.73 3.60 4.19
C GLY A 80 -9.90 2.69 5.06
N GLU A 81 -8.92 3.22 5.78
CA GLU A 81 -7.94 2.40 6.54
C GLU A 81 -7.62 3.02 7.91
N ALA A 82 -7.02 4.22 7.94
CA ALA A 82 -6.42 4.80 9.17
C ALA A 82 -6.46 6.34 9.13
N ALA A 83 -6.73 6.96 10.28
CA ALA A 83 -6.82 8.43 10.45
C ALA A 83 -5.43 9.06 10.33
N PHE A 84 -4.39 8.41 10.88
CA PHE A 84 -3.02 8.97 11.00
C PHE A 84 -1.98 7.85 10.91
N ILE A 85 -1.07 7.94 9.94
CA ILE A 85 0.02 6.93 9.75
C ILE A 85 1.39 7.62 9.83
N GLY A 86 1.43 8.93 10.09
CA GLY A 86 2.67 9.72 10.24
C GLY A 86 2.58 11.03 9.49
N PHE A 87 3.73 11.54 9.01
CA PHE A 87 3.79 12.81 8.24
C PHE A 87 4.73 12.64 7.04
N THR A 88 4.50 13.47 6.02
CA THR A 88 5.44 13.75 4.90
C THR A 88 5.15 15.17 4.42
N GLY A 89 6.17 15.99 4.18
CA GLY A 89 5.99 17.32 3.58
C GLY A 89 7.22 18.21 3.68
N LEU A 90 7.00 19.52 3.50
CA LEU A 90 8.07 20.52 3.29
C LEU A 90 8.38 21.26 4.59
N PHE A 91 9.64 21.62 4.79
CA PHE A 91 10.11 22.47 5.91
C PHE A 91 11.19 23.40 5.37
N ASP A 92 11.01 24.71 5.56
CA ASP A 92 12.00 25.74 5.15
C ASP A 92 13.30 25.49 5.92
N VAL A 93 14.42 25.50 5.20
CA VAL A 93 15.79 25.37 5.78
C VAL A 93 16.32 26.78 6.03
N THR A 94 16.50 27.15 7.31
CA THR A 94 16.95 28.49 7.76
C THR A 94 18.24 28.39 8.58
N MET A 95 18.67 27.18 8.96
CA MET A 95 19.89 26.98 9.79
C MET A 95 21.14 27.30 8.96
N ASP A 96 22.29 27.41 9.64
CA ASP A 96 23.59 27.83 9.03
C ASP A 96 24.23 26.62 8.36
N VAL A 97 23.79 26.31 7.13
CA VAL A 97 24.34 25.24 6.26
C VAL A 97 24.59 25.84 4.87
N HIS A 98 25.46 25.21 4.08
CA HIS A 98 25.93 25.71 2.75
C HIS A 98 24.76 25.83 1.78
N PHE A 99 23.71 25.02 1.93
CA PHE A 99 22.58 24.90 0.97
C PHE A 99 21.37 25.73 1.40
N ALA A 100 21.46 26.46 2.53
CA ALA A 100 20.43 27.41 3.00
C ALA A 100 20.62 28.75 2.30
N PRO A 101 19.55 29.52 2.01
CA PRO A 101 18.17 29.12 2.32
C PRO A 101 17.57 28.22 1.22
N THR A 102 16.68 27.31 1.60
CA THR A 102 15.94 26.41 0.68
C THR A 102 14.78 25.76 1.44
N VAL A 103 14.10 24.81 0.80
CA VAL A 103 12.99 24.02 1.40
C VAL A 103 13.41 22.55 1.37
N GLU A 104 13.27 21.86 2.51
CA GLU A 104 13.59 20.40 2.60
C GLU A 104 12.28 19.61 2.55
N ILE A 105 12.36 18.33 2.19
CA ILE A 105 11.25 17.34 2.30
C ILE A 105 11.66 16.27 3.32
N GLY A 106 10.76 15.93 4.24
CA GLY A 106 10.99 14.92 5.28
C GLY A 106 9.78 14.01 5.45
N TRP A 107 9.98 12.84 6.05
CA TRP A 107 8.93 11.78 6.14
C TRP A 107 9.18 10.92 7.37
N ARG A 108 8.10 10.53 8.05
CA ARG A 108 8.08 9.61 9.22
C ARG A 108 6.77 8.82 9.15
N LEU A 109 6.86 7.49 9.00
CA LEU A 109 5.69 6.58 8.91
C LEU A 109 5.73 5.61 10.10
N ALA A 110 4.54 5.24 10.60
CA ALA A 110 4.36 4.11 11.54
C ALA A 110 4.86 2.84 10.84
N PRO A 111 5.67 1.99 11.50
CA PRO A 111 6.29 0.84 10.86
C PRO A 111 5.30 -0.11 10.15
N ALA A 112 4.06 -0.16 10.64
CA ALA A 112 2.97 -1.01 10.11
C ALA A 112 2.70 -0.68 8.63
N TYR A 113 3.05 0.53 8.19
CA TYR A 113 2.76 1.06 6.83
C TYR A 113 4.02 1.12 5.97
N TRP A 114 5.15 0.60 6.47
CA TRP A 114 6.42 0.48 5.69
C TRP A 114 6.23 -0.58 4.60
N GLY A 115 6.90 -0.41 3.46
CA GLY A 115 6.96 -1.42 2.38
C GLY A 115 5.74 -1.39 1.47
N ARG A 116 5.00 -0.27 1.43
CA ARG A 116 3.72 -0.15 0.67
C ARG A 116 3.80 1.00 -0.35
N GLY A 117 4.95 1.66 -0.48
CA GLY A 117 5.13 2.83 -1.36
C GLY A 117 4.34 4.05 -0.88
N LEU A 118 3.94 4.07 0.40
CA LEU A 118 3.10 5.15 0.97
C LEU A 118 3.95 6.42 1.20
N ALA A 119 5.18 6.28 1.67
CA ALA A 119 6.14 7.41 1.79
C ALA A 119 6.44 7.94 0.39
N ARG A 120 6.67 7.04 -0.56
CA ARG A 120 6.90 7.39 -1.99
C ARG A 120 5.73 8.25 -2.49
N GLU A 121 4.50 7.77 -2.31
CA GLU A 121 3.26 8.45 -2.80
C GLU A 121 3.10 9.81 -2.13
N ALA A 122 3.27 9.85 -0.80
CA ALA A 122 3.17 11.08 0.02
C ALA A 122 4.17 12.12 -0.50
N ALA A 123 5.41 11.69 -0.80
CA ALA A 123 6.52 12.55 -1.26
C ALA A 123 6.20 13.10 -2.66
N GLU A 124 5.72 12.24 -3.57
CA GLU A 124 5.30 12.63 -4.94
C GLU A 124 4.22 13.71 -4.86
N THR A 125 3.24 13.54 -3.96
CA THR A 125 2.14 14.52 -3.72
C THR A 125 2.72 15.85 -3.24
N ALA A 126 3.61 15.80 -2.24
CA ALA A 126 4.29 16.97 -1.63
C ALA A 126 5.13 17.69 -2.69
N LEU A 127 5.91 16.97 -3.50
CA LEU A 127 6.85 17.57 -4.49
C LEU A 127 6.06 18.14 -5.67
N ASP A 128 4.96 17.48 -6.10
CA ASP A 128 4.00 18.04 -7.09
C ASP A 128 3.54 19.42 -6.61
N PHE A 129 3.16 19.53 -5.32
CA PHE A 129 2.73 20.81 -4.70
C PHE A 129 3.89 21.81 -4.75
N ALA A 130 5.07 21.38 -4.30
CA ALA A 130 6.31 22.19 -4.22
C ALA A 130 6.59 22.87 -5.56
N PHE A 131 6.47 22.13 -6.68
CA PHE A 131 6.95 22.56 -8.01
C PHE A 131 5.80 23.14 -8.86
N GLU A 132 4.58 22.60 -8.76
CA GLU A 132 3.42 23.04 -9.56
C GLU A 132 2.72 24.22 -8.88
N ARG A 133 2.50 24.16 -7.56
CA ARG A 133 1.71 25.15 -6.80
C ARG A 133 2.64 26.27 -6.28
N LEU A 134 3.63 25.93 -5.44
CA LEU A 134 4.56 26.92 -4.83
C LEU A 134 5.55 27.44 -5.87
N ARG A 135 5.83 26.66 -6.93
CA ARG A 135 6.82 26.99 -7.99
C ARG A 135 8.20 27.18 -7.36
N LEU A 136 8.60 26.32 -6.41
CA LEU A 136 9.96 26.34 -5.80
C LEU A 136 10.98 26.02 -6.89
N PRO A 137 12.20 26.60 -6.83
CA PRO A 137 13.26 26.26 -7.79
C PRO A 137 13.89 24.89 -7.48
N GLU A 138 13.88 24.50 -6.21
CA GLU A 138 14.57 23.27 -5.71
C GLU A 138 13.94 22.82 -4.39
N VAL A 139 13.96 21.50 -4.13
CA VAL A 139 13.70 20.91 -2.78
C VAL A 139 14.86 19.97 -2.46
N VAL A 140 15.33 20.00 -1.21
CA VAL A 140 16.46 19.17 -0.72
C VAL A 140 15.91 18.16 0.28
N ALA A 141 16.73 17.17 0.60
CA ALA A 141 16.50 16.23 1.72
C ALA A 141 17.88 15.78 2.22
N PHE A 142 18.02 15.55 3.53
CA PHE A 142 19.28 15.10 4.13
C PHE A 142 18.98 14.11 5.26
N THR A 143 19.92 13.16 5.44
CA THR A 143 19.85 12.08 6.44
C THR A 143 21.28 11.61 6.74
N THR A 144 21.44 10.59 7.58
CA THR A 144 22.75 9.99 7.93
C THR A 144 22.98 8.79 7.03
N PRO A 145 24.26 8.46 6.70
CA PRO A 145 24.56 7.32 5.82
C PRO A 145 23.90 6.00 6.22
N PRO A 146 23.81 5.63 7.51
CA PRO A 146 23.17 4.38 7.90
C PRO A 146 21.66 4.31 7.66
N ASN A 147 20.97 5.45 7.50
CA ASN A 147 19.51 5.52 7.28
C ASN A 147 19.21 5.28 5.80
N ARG A 148 19.39 4.04 5.35
CA ARG A 148 19.33 3.62 3.93
C ARG A 148 17.87 3.65 3.42
N ARG A 149 16.89 3.33 4.28
CA ARG A 149 15.44 3.42 3.92
C ARG A 149 15.12 4.87 3.51
N SER A 150 15.74 5.85 4.17
CA SER A 150 15.47 7.30 3.95
C SER A 150 16.13 7.75 2.64
N TRP A 151 17.45 7.58 2.49
CA TRP A 151 18.18 8.06 1.28
C TRP A 151 17.86 7.15 0.09
N GLY A 152 17.46 5.90 0.34
CA GLY A 152 16.88 5.02 -0.71
C GLY A 152 15.65 5.67 -1.34
N LEU A 153 14.73 6.18 -0.52
CA LEU A 153 13.51 6.88 -0.99
C LEU A 153 13.91 8.12 -1.79
N MET A 154 14.87 8.90 -1.28
CA MET A 154 15.35 10.17 -1.91
C MET A 154 15.77 9.89 -3.36
N GLU A 155 16.59 8.87 -3.59
CA GLU A 155 17.13 8.55 -4.94
C GLU A 155 16.04 7.91 -5.81
N ARG A 156 15.10 7.16 -5.23
CA ARG A 156 13.97 6.56 -5.98
C ARG A 156 13.02 7.67 -6.47
N LEU A 157 12.88 8.77 -5.70
CA LEU A 157 12.06 9.95 -6.09
C LEU A 157 12.74 10.72 -7.25
N GLY A 158 14.00 10.43 -7.54
CA GLY A 158 14.78 11.07 -8.61
C GLY A 158 15.63 12.21 -8.09
N MET A 159 15.71 12.38 -6.76
CA MET A 159 16.67 13.34 -6.13
C MET A 159 18.08 12.75 -6.31
N ARG A 160 19.11 13.59 -6.37
CA ARG A 160 20.51 13.14 -6.61
C ARG A 160 21.44 13.72 -5.54
N ARG A 161 22.44 12.94 -5.14
CA ARG A 161 23.44 13.31 -4.10
C ARG A 161 24.80 13.55 -4.75
N ASP A 162 25.43 14.68 -4.40
CA ASP A 162 26.88 14.94 -4.57
C ASP A 162 27.56 14.67 -3.23
N PRO A 163 28.34 13.58 -3.08
CA PRO A 163 29.08 13.30 -1.85
C PRO A 163 29.99 14.43 -1.35
N ALA A 164 30.44 15.31 -2.25
CA ALA A 164 31.26 16.50 -1.94
C ALA A 164 30.46 17.48 -1.04
N GLU A 165 29.13 17.36 -1.03
CA GLU A 165 28.21 18.24 -0.27
C GLU A 165 27.85 17.62 1.09
N ASP A 166 28.49 16.51 1.47
CA ASP A 166 28.40 15.95 2.85
C ASP A 166 28.71 17.09 3.84
N PHE A 167 27.96 17.19 4.93
CA PHE A 167 28.06 18.33 5.88
C PHE A 167 27.85 17.84 7.32
N ASP A 168 28.43 18.56 8.27
CA ASP A 168 28.20 18.40 9.73
C ASP A 168 27.00 19.27 10.11
N HIS A 169 26.00 18.68 10.77
CA HIS A 169 24.74 19.36 11.16
C HIS A 169 25.07 20.45 12.17
N PRO A 170 24.69 21.73 11.91
CA PRO A 170 25.07 22.83 12.79
C PRO A 170 24.36 22.86 14.15
N LEU A 171 23.26 22.09 14.31
CA LEU A 171 22.44 22.03 15.55
C LEU A 171 22.79 20.77 16.35
N LEU A 172 23.93 20.15 16.05
CA LEU A 172 24.53 19.05 16.84
C LEU A 172 25.95 19.45 17.25
N ALA A 173 26.49 18.83 18.32
CA ALA A 173 27.86 19.05 18.82
C ALA A 173 28.86 18.75 17.70
N ALA A 174 30.02 19.40 17.74
CA ALA A 174 31.12 19.28 16.74
C ALA A 174 31.66 17.84 16.72
N ASP A 175 31.54 17.13 17.85
CA ASP A 175 32.09 15.75 18.04
C ASP A 175 30.94 14.74 18.19
N HIS A 176 29.71 15.11 17.80
CA HIS A 176 28.51 14.24 17.88
C HIS A 176 28.66 13.09 16.89
N PRO A 177 28.40 11.82 17.29
CA PRO A 177 28.62 10.68 16.41
C PRO A 177 27.64 10.58 15.22
N MET A 178 26.54 11.33 15.26
CA MET A 178 25.49 11.35 14.21
C MET A 178 25.51 12.70 13.46
N ARG A 179 26.64 13.42 13.51
CA ARG A 179 26.76 14.81 12.99
C ARG A 179 26.83 14.79 11.45
N ARG A 180 27.46 13.77 10.86
CA ARG A 180 27.74 13.71 9.40
C ARG A 180 26.45 13.37 8.65
N HIS A 181 25.97 14.29 7.81
CA HIS A 181 24.75 14.14 6.97
C HIS A 181 25.15 14.16 5.50
N ILE A 182 24.31 13.53 4.66
CA ILE A 182 24.44 13.52 3.17
C ILE A 182 23.26 14.33 2.61
N LEU A 183 23.48 15.03 1.50
CA LEU A 183 22.48 15.96 0.90
C LEU A 183 22.02 15.43 -0.45
N TYR A 184 20.70 15.33 -0.62
CA TYR A 184 20.02 15.08 -1.92
C TYR A 184 19.31 16.37 -2.36
N ARG A 185 19.29 16.60 -3.67
CA ARG A 185 18.64 17.77 -4.30
C ARG A 185 17.80 17.29 -5.48
N VAL A 186 16.64 17.91 -5.69
CA VAL A 186 15.89 17.83 -6.98
C VAL A 186 15.44 19.25 -7.32
N ASP A 187 15.62 19.67 -8.57
CA ASP A 187 15.13 21.00 -9.02
C ASP A 187 13.89 20.80 -9.89
N ALA A 188 13.21 21.90 -10.25
CA ALA A 188 11.92 21.89 -10.98
C ALA A 188 12.10 21.18 -12.33
N ALA A 189 13.22 21.40 -13.01
CA ALA A 189 13.54 20.79 -14.33
C ALA A 189 13.61 19.27 -14.19
N ARG A 190 14.42 18.78 -13.24
CA ARG A 190 14.62 17.32 -13.01
C ARG A 190 13.29 16.67 -12.66
N TRP A 191 12.50 17.29 -11.78
CA TRP A 191 11.19 16.77 -11.32
C TRP A 191 10.22 16.64 -12.50
N ALA A 192 10.14 17.68 -13.34
CA ALA A 192 9.27 17.76 -14.53
C ALA A 192 9.70 16.70 -15.57
N GLU A 193 10.99 16.36 -15.61
CA GLU A 193 11.59 15.47 -16.65
C GLU A 193 11.28 14.00 -16.34
N ARG A 194 11.24 13.61 -15.05
CA ARG A 194 10.95 12.22 -14.63
C ARG A 194 9.43 12.00 -14.61
N SER B 10 -18.39 -37.80 2.15
CA SER B 10 -17.22 -36.87 2.27
C SER B 10 -17.25 -35.86 1.12
N ALA B 11 -17.27 -34.56 1.43
CA ALA B 11 -17.42 -33.47 0.43
C ALA B 11 -16.61 -32.24 0.86
N ILE B 12 -16.87 -31.09 0.25
CA ILE B 12 -16.06 -29.84 0.38
C ILE B 12 -16.34 -29.22 1.74
N SER B 13 -15.29 -28.89 2.49
CA SER B 13 -15.35 -28.23 3.83
C SER B 13 -15.76 -26.77 3.66
N GLU B 14 -16.85 -26.36 4.32
CA GLU B 14 -17.33 -24.95 4.34
C GLU B 14 -16.54 -24.18 5.40
N LEU B 15 -16.25 -22.90 5.13
CA LEU B 15 -15.54 -21.99 6.07
C LEU B 15 -16.47 -20.83 6.45
N HIS B 16 -16.45 -20.44 7.72
CA HIS B 16 -17.32 -19.38 8.29
C HIS B 16 -16.47 -18.17 8.73
N GLY B 17 -16.91 -16.97 8.34
CA GLY B 17 -16.49 -15.69 8.96
C GLY B 17 -17.64 -15.11 9.78
N PRO B 18 -17.42 -13.97 10.47
CA PRO B 18 -18.50 -13.32 11.22
C PRO B 18 -19.80 -13.19 10.42
N ARG B 19 -19.70 -12.80 9.15
CA ARG B 19 -20.85 -12.50 8.27
C ARG B 19 -20.96 -13.54 7.13
N LEU B 20 -19.84 -14.06 6.65
CA LEU B 20 -19.80 -14.84 5.37
C LEU B 20 -19.78 -16.35 5.65
N LEU B 21 -20.37 -17.11 4.73
CA LEU B 21 -20.18 -18.57 4.53
C LEU B 21 -19.44 -18.76 3.20
N LEU B 22 -18.23 -19.32 3.26
CA LEU B 22 -17.43 -19.75 2.08
C LEU B 22 -17.75 -21.22 1.81
N ARG B 23 -18.42 -21.53 0.70
CA ARG B 23 -18.95 -22.88 0.43
C ARG B 23 -18.63 -23.33 -1.00
N ALA B 24 -18.94 -24.58 -1.30
CA ALA B 24 -18.94 -25.16 -2.66
C ALA B 24 -20.01 -24.45 -3.50
N TRP B 25 -19.76 -24.35 -4.81
CA TRP B 25 -20.70 -23.76 -5.79
C TRP B 25 -21.90 -24.69 -5.95
N ARG B 26 -23.05 -24.14 -6.36
CA ARG B 26 -24.28 -24.91 -6.69
CA ARG B 26 -24.28 -24.91 -6.69
C ARG B 26 -24.92 -24.31 -7.95
N ASP B 27 -25.72 -25.11 -8.66
CA ASP B 27 -26.38 -24.76 -9.95
C ASP B 27 -27.02 -23.37 -9.83
N SER B 28 -27.68 -23.07 -8.70
CA SER B 28 -28.46 -21.81 -8.48
C SER B 28 -27.54 -20.59 -8.39
N ASP B 29 -26.21 -20.78 -8.25
CA ASP B 29 -25.21 -19.68 -8.23
C ASP B 29 -24.90 -19.19 -9.66
N ARG B 30 -25.10 -20.05 -10.67
CA ARG B 30 -24.60 -19.81 -12.06
C ARG B 30 -25.33 -18.60 -12.67
N GLU B 31 -26.61 -18.42 -12.39
CA GLU B 31 -27.41 -17.27 -12.90
C GLU B 31 -26.82 -15.96 -12.35
N ALA B 32 -26.66 -15.89 -11.02
CA ALA B 32 -26.14 -14.72 -10.28
C ALA B 32 -24.72 -14.39 -10.75
N PHE B 33 -23.87 -15.40 -10.88
CA PHE B 33 -22.45 -15.26 -11.31
C PHE B 33 -22.39 -14.77 -12.76
N ALA B 34 -23.27 -15.27 -13.63
CA ALA B 34 -23.37 -14.85 -15.05
C ALA B 34 -23.68 -13.36 -15.14
N GLU B 35 -24.55 -12.84 -14.26
CA GLU B 35 -24.91 -11.39 -14.18
C GLU B 35 -23.66 -10.58 -13.81
N MET B 36 -22.87 -11.07 -12.84
CA MET B 36 -21.59 -10.45 -12.40
C MET B 36 -20.62 -10.40 -13.57
N CYS B 37 -20.47 -11.52 -14.29
CA CYS B 37 -19.51 -11.68 -15.41
C CYS B 37 -19.94 -10.85 -16.61
N ALA B 38 -21.22 -10.47 -16.69
CA ALA B 38 -21.76 -9.61 -17.76
C ALA B 38 -21.65 -8.14 -17.36
N ASP B 39 -21.20 -7.84 -16.14
CA ASP B 39 -21.15 -6.47 -15.57
C ASP B 39 -19.81 -5.81 -15.94
N PRO B 40 -19.83 -4.74 -16.77
CA PRO B 40 -18.59 -4.05 -17.16
C PRO B 40 -17.79 -3.46 -16.00
N GLN B 41 -18.47 -3.09 -14.90
CA GLN B 41 -17.81 -2.57 -13.67
C GLN B 41 -17.07 -3.70 -12.96
N VAL B 42 -17.66 -4.90 -12.90
CA VAL B 42 -17.01 -6.10 -12.27
C VAL B 42 -15.80 -6.50 -13.12
N MET B 43 -15.94 -6.46 -14.45
CA MET B 43 -14.97 -7.04 -15.42
C MET B 43 -14.06 -5.97 -16.02
N GLU B 44 -14.02 -4.77 -15.43
CA GLU B 44 -13.33 -3.57 -15.99
C GLU B 44 -11.86 -3.90 -16.28
N PHE B 45 -11.16 -4.55 -15.36
CA PHE B 45 -9.70 -4.79 -15.43
C PHE B 45 -9.41 -6.20 -15.93
N PHE B 46 -10.41 -6.85 -16.55
CA PHE B 46 -10.27 -8.14 -17.29
C PHE B 46 -10.36 -7.86 -18.79
N PRO B 47 -9.84 -8.74 -19.66
CA PRO B 47 -9.87 -8.53 -21.11
C PRO B 47 -11.26 -8.15 -21.66
N SER B 48 -12.32 -8.83 -21.21
CA SER B 48 -13.71 -8.61 -21.66
C SER B 48 -14.73 -9.14 -20.64
N VAL B 49 -15.99 -8.69 -20.78
CA VAL B 49 -17.17 -9.31 -20.10
C VAL B 49 -17.37 -10.72 -20.71
N LEU B 50 -17.92 -11.64 -19.92
CA LEU B 50 -18.20 -13.04 -20.35
C LEU B 50 -19.70 -13.20 -20.61
N ASP B 51 -20.06 -14.02 -21.60
CA ASP B 51 -21.46 -14.47 -21.84
C ASP B 51 -21.74 -15.64 -20.89
N ARG B 52 -22.96 -16.18 -20.91
CA ARG B 52 -23.41 -17.26 -19.99
C ARG B 52 -22.52 -18.51 -20.18
N ALA B 53 -22.23 -18.86 -21.44
CA ALA B 53 -21.36 -20.01 -21.82
C ALA B 53 -20.00 -19.88 -21.12
N GLN B 54 -19.37 -18.70 -21.23
CA GLN B 54 -18.01 -18.41 -20.69
C GLN B 54 -18.05 -18.37 -19.16
N SER B 55 -19.10 -17.78 -18.57
CA SER B 55 -19.35 -17.77 -17.10
C SER B 55 -19.39 -19.22 -16.59
N ASP B 56 -20.22 -20.06 -17.20
CA ASP B 56 -20.45 -21.47 -16.80
C ASP B 56 -19.13 -22.25 -16.90
N ALA B 57 -18.30 -21.96 -17.91
CA ALA B 57 -16.99 -22.60 -18.16
C ALA B 57 -16.03 -22.31 -17.00
N LEU B 58 -16.04 -21.08 -16.50
CA LEU B 58 -15.22 -20.67 -15.32
C LEU B 58 -15.68 -21.46 -14.08
N VAL B 59 -16.99 -21.59 -13.89
CA VAL B 59 -17.61 -22.34 -12.74
C VAL B 59 -17.19 -23.81 -12.84
N ASP B 60 -17.14 -24.37 -14.05
CA ASP B 60 -16.73 -25.77 -14.33
C ASP B 60 -15.28 -25.99 -13.87
N ARG B 61 -14.38 -25.05 -14.18
CA ARG B 61 -12.95 -25.07 -13.76
C ARG B 61 -12.86 -24.98 -12.23
N VAL B 62 -13.68 -24.13 -11.61
CA VAL B 62 -13.74 -23.98 -10.12
C VAL B 62 -14.09 -25.33 -9.51
N GLN B 63 -15.17 -25.97 -10.00
CA GLN B 63 -15.67 -27.28 -9.49
C GLN B 63 -14.60 -28.36 -9.67
N ALA B 64 -13.89 -28.35 -10.79
CA ALA B 64 -12.80 -29.29 -11.11
C ALA B 64 -11.67 -29.11 -10.08
N HIS B 65 -11.31 -27.87 -9.78
CA HIS B 65 -10.24 -27.53 -8.79
C HIS B 65 -10.62 -28.10 -7.42
N PHE B 66 -11.84 -27.85 -6.96
CA PHE B 66 -12.41 -28.36 -5.68
C PHE B 66 -12.36 -29.89 -5.66
N ALA B 67 -12.76 -30.54 -6.75
CA ALA B 67 -12.82 -32.02 -6.88
C ALA B 67 -11.41 -32.61 -6.77
N GLU B 68 -10.40 -31.90 -7.28
CA GLU B 68 -8.99 -32.38 -7.37
C GLU B 68 -8.25 -32.09 -6.06
N ARG B 69 -8.45 -30.90 -5.47
CA ARG B 69 -7.58 -30.32 -4.41
C ARG B 69 -8.30 -30.20 -3.06
N GLY B 70 -9.63 -30.24 -3.02
CA GLY B 70 -10.43 -30.10 -1.79
C GLY B 70 -10.57 -28.64 -1.34
N TYR B 71 -10.01 -27.70 -2.11
CA TYR B 71 -10.18 -26.24 -1.91
C TYR B 71 -10.24 -25.56 -3.27
N GLY B 72 -10.54 -24.26 -3.28
CA GLY B 72 -10.76 -23.49 -4.51
C GLY B 72 -11.31 -22.10 -4.21
N PRO B 73 -11.65 -21.30 -5.25
CA PRO B 73 -12.36 -20.04 -5.04
C PRO B 73 -13.78 -20.31 -4.53
N TRP B 74 -13.97 -20.30 -3.20
CA TRP B 74 -15.27 -20.58 -2.54
C TRP B 74 -16.33 -19.58 -3.02
N ALA B 75 -17.56 -20.07 -3.28
CA ALA B 75 -18.76 -19.22 -3.43
C ALA B 75 -19.00 -18.48 -2.11
N LEU B 76 -19.39 -17.21 -2.15
CA LEU B 76 -19.62 -16.38 -0.94
C LEU B 76 -21.13 -16.24 -0.70
N GLU B 77 -21.62 -16.87 0.37
CA GLU B 77 -23.01 -16.72 0.88
C GLU B 77 -22.97 -15.76 2.07
N LEU B 78 -24.00 -14.92 2.21
CA LEU B 78 -24.15 -13.96 3.33
C LEU B 78 -25.42 -14.32 4.10
N PRO B 79 -25.36 -15.27 5.07
CA PRO B 79 -26.57 -15.68 5.79
C PRO B 79 -27.29 -14.46 6.41
N GLY B 80 -28.60 -14.40 6.20
CA GLY B 80 -29.47 -13.30 6.65
C GLY B 80 -29.66 -12.24 5.58
N GLU B 81 -29.01 -12.39 4.42
CA GLU B 81 -28.96 -11.31 3.39
C GLU B 81 -29.09 -11.90 1.98
N ALA B 82 -28.14 -12.72 1.53
CA ALA B 82 -28.02 -13.16 0.12
C ALA B 82 -27.37 -14.54 0.00
N ALA B 83 -27.85 -15.35 -0.94
CA ALA B 83 -27.37 -16.73 -1.22
C ALA B 83 -25.97 -16.66 -1.85
N PHE B 84 -25.72 -15.70 -2.74
CA PHE B 84 -24.48 -15.62 -3.57
C PHE B 84 -24.14 -14.15 -3.85
N ILE B 85 -22.93 -13.73 -3.45
CA ILE B 85 -22.43 -12.34 -3.68
C ILE B 85 -21.11 -12.37 -4.47
N GLY B 86 -20.64 -13.56 -4.88
CA GLY B 86 -19.42 -13.73 -5.69
C GLY B 86 -18.57 -14.86 -5.16
N PHE B 87 -17.25 -14.77 -5.34
CA PHE B 87 -16.29 -15.78 -4.83
C PHE B 87 -15.06 -15.08 -4.23
N THR B 88 -14.40 -15.80 -3.32
CA THR B 88 -13.02 -15.52 -2.82
C THR B 88 -12.41 -16.87 -2.42
N GLY B 89 -11.15 -17.13 -2.79
CA GLY B 89 -10.42 -18.32 -2.35
C GLY B 89 -9.16 -18.60 -3.15
N LEU B 90 -8.67 -19.83 -3.05
CA LEU B 90 -7.31 -20.24 -3.49
C LEU B 90 -7.40 -20.92 -4.86
N PHE B 91 -6.37 -20.73 -5.69
CA PHE B 91 -6.19 -21.44 -6.97
C PHE B 91 -4.69 -21.75 -7.12
N ASP B 92 -4.36 -23.02 -7.33
CA ASP B 92 -2.96 -23.47 -7.59
C ASP B 92 -2.46 -22.79 -8.86
N VAL B 93 -1.27 -22.20 -8.81
CA VAL B 93 -0.60 -21.54 -9.97
C VAL B 93 0.29 -22.59 -10.63
N THR B 94 -0.05 -22.95 -11.88
CA THR B 94 0.66 -23.97 -12.69
C THR B 94 1.15 -23.38 -14.02
N MET B 95 0.75 -22.14 -14.36
CA MET B 95 1.15 -21.48 -15.63
C MET B 95 2.64 -21.11 -15.57
N ASP B 96 3.23 -20.78 -16.73
CA ASP B 96 4.69 -20.56 -16.90
C ASP B 96 5.03 -19.14 -16.46
N VAL B 97 5.19 -18.94 -15.14
CA VAL B 97 5.57 -17.65 -14.48
C VAL B 97 6.71 -17.95 -13.50
N HIS B 98 7.50 -16.92 -13.13
CA HIS B 98 8.72 -17.05 -12.29
C HIS B 98 8.36 -17.59 -10.89
N PHE B 99 7.15 -17.31 -10.40
CA PHE B 99 6.72 -17.60 -9.00
C PHE B 99 5.93 -18.92 -8.92
N ALA B 100 5.75 -19.63 -10.04
CA ALA B 100 5.14 -20.98 -10.09
C ALA B 100 6.22 -22.03 -9.74
N PRO B 101 5.87 -23.16 -9.09
CA PRO B 101 4.51 -23.43 -8.61
C PRO B 101 4.21 -22.77 -7.26
N THR B 102 2.95 -22.38 -7.05
CA THR B 102 2.46 -21.82 -5.75
C THR B 102 0.93 -21.83 -5.76
N VAL B 103 0.31 -21.20 -4.76
CA VAL B 103 -1.16 -21.04 -4.63
C VAL B 103 -1.46 -19.54 -4.65
N GLU B 104 -2.41 -19.10 -5.47
CA GLU B 104 -2.84 -17.67 -5.54
C GLU B 104 -4.16 -17.52 -4.77
N ILE B 105 -4.46 -16.30 -4.35
CA ILE B 105 -5.79 -15.91 -3.78
C ILE B 105 -6.42 -14.89 -4.73
N GLY B 106 -7.69 -15.08 -5.07
CA GLY B 106 -8.46 -14.18 -5.95
C GLY B 106 -9.85 -13.92 -5.40
N TRP B 107 -10.50 -12.86 -5.87
CA TRP B 107 -11.79 -12.37 -5.33
C TRP B 107 -12.56 -11.62 -6.42
N ARG B 108 -13.88 -11.82 -6.45
CA ARG B 108 -14.84 -11.15 -7.35
C ARG B 108 -16.16 -11.01 -6.59
N LEU B 109 -16.60 -9.77 -6.34
CA LEU B 109 -17.84 -9.45 -5.60
C LEU B 109 -18.80 -8.70 -6.53
N ALA B 110 -20.10 -8.95 -6.37
CA ALA B 110 -21.18 -8.12 -6.96
C ALA B 110 -21.00 -6.70 -6.43
N PRO B 111 -21.07 -5.65 -7.31
CA PRO B 111 -20.78 -4.28 -6.89
C PRO B 111 -21.59 -3.79 -5.68
N ALA B 112 -22.80 -4.33 -5.50
CA ALA B 112 -23.73 -3.98 -4.41
C ALA B 112 -23.08 -4.23 -3.04
N TYR B 113 -22.10 -5.14 -2.98
CA TYR B 113 -21.44 -5.60 -1.72
C TYR B 113 -20.03 -5.00 -1.58
N TRP B 114 -19.62 -4.11 -2.49
CA TRP B 114 -18.35 -3.35 -2.39
C TRP B 114 -18.43 -2.38 -1.21
N GLY B 115 -17.29 -2.12 -0.55
CA GLY B 115 -17.16 -1.07 0.47
C GLY B 115 -17.67 -1.50 1.84
N ARG B 116 -17.76 -2.80 2.10
CA ARG B 116 -18.32 -3.37 3.36
C ARG B 116 -17.29 -4.25 4.08
N GLY B 117 -16.06 -4.34 3.56
CA GLY B 117 -15.01 -5.23 4.10
C GLY B 117 -15.32 -6.70 3.90
N LEU B 118 -16.22 -7.04 2.97
CA LEU B 118 -16.67 -8.43 2.72
C LEU B 118 -15.58 -9.22 1.99
N ALA B 119 -14.91 -8.62 1.01
CA ALA B 119 -13.74 -9.24 0.32
C ALA B 119 -12.62 -9.41 1.34
N ARG B 120 -12.39 -8.40 2.18
CA ARG B 120 -11.38 -8.45 3.28
C ARG B 120 -11.67 -9.67 4.16
N GLU B 121 -12.90 -9.79 4.65
CA GLU B 121 -13.33 -10.88 5.58
C GLU B 121 -13.19 -12.24 4.90
N ALA B 122 -13.66 -12.35 3.65
CA ALA B 122 -13.59 -13.58 2.84
C ALA B 122 -12.13 -14.03 2.70
N ALA B 123 -11.23 -13.08 2.42
CA ALA B 123 -9.78 -13.31 2.18
C ALA B 123 -9.12 -13.77 3.49
N GLU B 124 -9.41 -13.12 4.61
CA GLU B 124 -8.92 -13.49 5.96
C GLU B 124 -9.32 -14.93 6.28
N THR B 125 -10.58 -15.31 5.98
CA THR B 125 -11.12 -16.68 6.18
C THR B 125 -10.33 -17.67 5.32
N ALA B 126 -10.14 -17.35 4.03
CA ALA B 126 -9.40 -18.17 3.05
C ALA B 126 -7.94 -18.34 3.49
N LEU B 127 -7.27 -17.27 3.91
CA LEU B 127 -5.82 -17.29 4.26
C LEU B 127 -5.62 -18.00 5.60
N ASP B 128 -6.54 -17.84 6.55
CA ASP B 128 -6.58 -18.64 7.81
C ASP B 128 -6.57 -20.12 7.45
N PHE B 129 -7.40 -20.53 6.50
CA PHE B 129 -7.48 -21.94 6.00
C PHE B 129 -6.14 -22.32 5.37
N ALA B 130 -5.64 -21.47 4.47
CA ALA B 130 -4.38 -21.67 3.72
C ALA B 130 -3.22 -22.01 4.68
N PHE B 131 -3.11 -21.29 5.79
CA PHE B 131 -1.92 -21.32 6.69
C PHE B 131 -2.14 -22.24 7.89
N GLU B 132 -3.36 -22.28 8.45
CA GLU B 132 -3.69 -23.08 9.65
C GLU B 132 -4.04 -24.52 9.25
N ARG B 133 -4.86 -24.70 8.21
CA ARG B 133 -5.41 -26.02 7.79
C ARG B 133 -4.48 -26.68 6.77
N LEU B 134 -4.26 -26.05 5.62
CA LEU B 134 -3.41 -26.60 4.52
C LEU B 134 -1.93 -26.54 4.90
N ARG B 135 -1.54 -25.59 5.76
CA ARG B 135 -0.13 -25.34 6.17
C ARG B 135 0.71 -25.01 4.93
N LEU B 136 0.19 -24.18 4.02
CA LEU B 136 0.94 -23.68 2.84
C LEU B 136 2.11 -22.82 3.34
N PRO B 137 3.26 -22.81 2.64
CA PRO B 137 4.38 -21.92 3.00
C PRO B 137 4.10 -20.46 2.59
N GLU B 138 3.33 -20.26 1.52
CA GLU B 138 3.09 -18.92 0.91
C GLU B 138 1.78 -18.94 0.11
N VAL B 139 1.13 -17.78 0.03
CA VAL B 139 0.03 -17.50 -0.96
C VAL B 139 0.38 -16.19 -1.67
N VAL B 140 0.15 -16.16 -2.99
CA VAL B 140 0.43 -14.97 -3.84
C VAL B 140 -0.90 -14.40 -4.33
N ALA B 141 -0.87 -13.18 -4.85
CA ALA B 141 -1.96 -12.56 -5.61
C ALA B 141 -1.34 -11.61 -6.62
N PHE B 142 -1.96 -11.48 -7.79
CA PHE B 142 -1.48 -10.58 -8.87
C PHE B 142 -2.66 -9.94 -9.58
N THR B 143 -2.43 -8.72 -10.08
CA THR B 143 -3.43 -7.88 -10.77
C THR B 143 -2.67 -6.87 -11.64
N THR B 144 -3.39 -5.98 -12.33
CA THR B 144 -2.82 -4.90 -13.16
C THR B 144 -2.73 -3.62 -12.33
N PRO B 145 -1.75 -2.72 -12.59
CA PRO B 145 -1.62 -1.49 -11.83
C PRO B 145 -2.89 -0.64 -11.70
N PRO B 146 -3.72 -0.49 -12.75
CA PRO B 146 -4.96 0.29 -12.63
C PRO B 146 -6.03 -0.31 -11.70
N ASN B 147 -5.97 -1.61 -11.39
CA ASN B 147 -6.95 -2.30 -10.52
C ASN B 147 -6.58 -2.05 -9.05
N ARG B 148 -6.77 -0.81 -8.59
CA ARG B 148 -6.33 -0.31 -7.26
C ARG B 148 -7.17 -0.93 -6.15
N ARG B 149 -8.47 -1.19 -6.38
CA ARG B 149 -9.36 -1.86 -5.40
C ARG B 149 -8.79 -3.24 -5.08
N SER B 150 -8.20 -3.91 -6.07
CA SER B 150 -7.65 -5.30 -5.93
C SER B 150 -6.34 -5.27 -5.15
N TRP B 151 -5.32 -4.52 -5.62
CA TRP B 151 -3.98 -4.51 -4.97
C TRP B 151 -4.05 -3.70 -3.68
N GLY B 152 -5.01 -2.77 -3.55
CA GLY B 152 -5.33 -2.14 -2.26
C GLY B 152 -5.70 -3.17 -1.21
N LEU B 153 -6.58 -4.11 -1.55
CA LEU B 153 -6.98 -5.22 -0.64
C LEU B 153 -5.76 -6.07 -0.30
N MET B 154 -4.94 -6.42 -1.29
CA MET B 154 -3.72 -7.27 -1.13
C MET B 154 -2.82 -6.69 -0.03
N GLU B 155 -2.52 -5.39 -0.09
CA GLU B 155 -1.60 -4.71 0.87
C GLU B 155 -2.30 -4.51 2.22
N ARG B 156 -3.62 -4.32 2.26
CA ARG B 156 -4.38 -4.20 3.53
C ARG B 156 -4.40 -5.56 4.26
N LEU B 157 -4.40 -6.67 3.52
CA LEU B 157 -4.33 -8.04 4.10
C LEU B 157 -2.95 -8.32 4.69
N GLY B 158 -1.95 -7.47 4.37
CA GLY B 158 -0.56 -7.60 4.86
C GLY B 158 0.33 -8.30 3.86
N MET B 159 -0.16 -8.57 2.65
CA MET B 159 0.68 -9.08 1.52
C MET B 159 1.59 -7.92 1.07
N ARG B 160 2.78 -8.22 0.55
CA ARG B 160 3.77 -7.19 0.13
C ARG B 160 4.23 -7.42 -1.30
N ARG B 161 4.45 -6.33 -2.03
CA ARG B 161 4.88 -6.33 -3.45
C ARG B 161 6.35 -5.88 -3.55
N ASP B 162 7.16 -6.65 -4.29
CA ASP B 162 8.46 -6.24 -4.86
C ASP B 162 8.22 -5.84 -6.31
N PRO B 163 8.28 -4.54 -6.66
CA PRO B 163 8.13 -4.09 -8.06
C PRO B 163 9.07 -4.77 -9.06
N ALA B 164 10.22 -5.27 -8.59
CA ALA B 164 11.21 -6.03 -9.41
C ALA B 164 10.59 -7.33 -9.92
N GLU B 165 9.51 -7.80 -9.29
CA GLU B 165 8.82 -9.07 -9.64
C GLU B 165 7.63 -8.82 -10.58
N ASP B 166 7.46 -7.58 -11.07
CA ASP B 166 6.49 -7.26 -12.15
C ASP B 166 6.76 -8.23 -13.31
N PHE B 167 5.70 -8.76 -13.93
CA PHE B 167 5.80 -9.82 -14.98
C PHE B 167 4.73 -9.60 -16.06
N ASP B 168 5.03 -10.08 -17.28
CA ASP B 168 4.07 -10.16 -18.41
C ASP B 168 3.33 -11.50 -18.30
N HIS B 169 1.99 -11.46 -18.31
CA HIS B 169 1.12 -12.66 -18.20
C HIS B 169 1.39 -13.58 -19.39
N PRO B 170 1.74 -14.87 -19.17
CA PRO B 170 2.10 -15.77 -20.27
C PRO B 170 0.93 -16.21 -21.16
N LEU B 171 -0.31 -15.97 -20.72
CA LEU B 171 -1.57 -16.38 -21.39
C LEU B 171 -2.18 -15.20 -22.15
N LEU B 172 -1.43 -14.10 -22.29
CA LEU B 172 -1.80 -12.91 -23.09
C LEU B 172 -0.73 -12.66 -24.14
N ALA B 173 -1.10 -11.97 -25.22
CA ALA B 173 -0.20 -11.58 -26.34
C ALA B 173 0.98 -10.78 -25.78
N ALA B 174 2.13 -10.84 -26.45
CA ALA B 174 3.39 -10.16 -26.06
C ALA B 174 3.19 -8.64 -26.09
N ASP B 175 2.26 -8.14 -26.90
CA ASP B 175 1.99 -6.69 -27.12
C ASP B 175 0.61 -6.32 -26.56
N HIS B 176 0.02 -7.16 -25.71
CA HIS B 176 -1.32 -6.93 -25.09
C HIS B 176 -1.22 -5.76 -24.12
N PRO B 177 -2.15 -4.78 -24.15
CA PRO B 177 -2.05 -3.58 -23.30
C PRO B 177 -2.27 -3.85 -21.80
N MET B 178 -2.83 -5.02 -21.45
CA MET B 178 -3.13 -5.44 -20.05
C MET B 178 -2.18 -6.56 -19.63
N ARG B 179 -1.03 -6.70 -20.29
CA ARG B 179 -0.09 -7.85 -20.10
C ARG B 179 0.69 -7.67 -18.79
N ARG B 180 1.01 -6.42 -18.41
CA ARG B 180 1.91 -6.13 -17.27
C ARG B 180 1.13 -6.31 -15.96
N HIS B 181 1.55 -7.28 -15.14
CA HIS B 181 0.96 -7.60 -13.82
C HIS B 181 1.97 -7.32 -12.70
N ILE B 182 1.46 -7.06 -11.49
CA ILE B 182 2.26 -6.83 -10.26
C ILE B 182 1.98 -8.00 -9.32
N LEU B 183 2.97 -8.42 -8.54
CA LEU B 183 2.90 -9.63 -7.69
C LEU B 183 2.97 -9.23 -6.21
N TYR B 184 1.99 -9.69 -5.42
CA TYR B 184 2.00 -9.64 -3.94
C TYR B 184 2.22 -11.06 -3.39
N ARG B 185 2.93 -11.13 -2.27
CA ARG B 185 3.23 -12.39 -1.56
C ARG B 185 2.94 -12.21 -0.07
N VAL B 186 2.39 -13.24 0.57
CA VAL B 186 2.37 -13.35 2.06
C VAL B 186 2.79 -14.78 2.40
N ASP B 187 3.69 -14.94 3.36
CA ASP B 187 4.12 -16.28 3.83
C ASP B 187 3.49 -16.54 5.21
N ALA B 188 3.63 -17.76 5.70
CA ALA B 188 3.00 -18.25 6.96
C ALA B 188 3.45 -17.39 8.14
N ALA B 189 4.74 -17.01 8.18
CA ALA B 189 5.35 -16.21 9.25
C ALA B 189 4.67 -14.83 9.29
N ARG B 190 4.63 -14.14 8.15
CA ARG B 190 4.05 -12.78 8.05
C ARG B 190 2.57 -12.81 8.45
N TRP B 191 1.82 -13.79 7.95
CA TRP B 191 0.37 -13.95 8.24
C TRP B 191 0.14 -14.13 9.74
N ALA B 192 0.93 -14.99 10.39
CA ALA B 192 0.87 -15.29 11.84
C ALA B 192 1.23 -14.04 12.66
N GLU B 193 2.10 -13.18 12.13
CA GLU B 193 2.68 -12.02 12.85
C GLU B 193 1.68 -10.86 12.93
N ARG B 194 0.85 -10.64 11.90
CA ARG B 194 -0.07 -9.47 11.84
C ARG B 194 -1.33 -9.75 12.66
N1A COA C . 3.18 -0.86 -4.06
C2A COA C . 3.78 -1.76 -3.28
N3A COA C . 5.01 -1.74 -2.77
C4A COA C . 5.66 -0.63 -3.15
C5A COA C . 5.19 0.38 -3.96
C6A COA C . 3.86 0.24 -4.44
N6A COA C . 3.25 1.14 -5.22
N7A COA C . 6.16 1.36 -4.13
C8A COA C . 7.18 0.93 -3.43
N9A COA C . 6.94 -0.29 -2.82
C1B COA C . 7.82 -1.07 -1.96
C2B COA C . 9.28 -1.13 -2.39
O2B COA C . 9.56 -2.34 -3.05
C3B COA C . 10.03 -1.02 -1.07
O3B COA C . 10.17 -2.28 -0.40
P3B COA C . 11.61 -2.47 0.34
O7A COA C . 11.92 -1.19 1.11
O8A COA C . 12.62 -2.72 -0.77
O9A COA C . 11.47 -3.66 1.27
C4B COA C . 9.12 -0.09 -0.28
O4B COA C . 7.78 -0.48 -0.68
C5B COA C . 9.31 1.37 -0.54
O5B COA C . 8.30 2.13 0.15
P1A COA C . 8.54 3.71 0.28
O1A COA C . 7.23 4.40 0.41
O2A COA C . 9.47 4.14 -0.82
O3A COA C . 9.31 3.80 1.67
P2A COA C . 9.23 3.01 3.06
O4A COA C . 10.41 2.12 3.18
O5A COA C . 7.87 2.41 3.22
O6A COA C . 9.38 4.21 4.11
CBP COA C . 10.69 5.72 5.50
CCP COA C . 10.66 4.88 4.23
CDP COA C . 12.06 6.41 5.60
CEP COA C . 9.59 6.80 5.40
CAP COA C . 10.44 4.85 6.75
OAP COA C . 11.36 3.77 6.77
C9P COA C . 10.52 5.61 8.07
O9P COA C . 9.56 6.26 8.45
N8P COA C . 11.66 5.52 8.75
C7P COA C . 11.82 6.03 10.10
C6P COA C . 11.81 7.55 10.17
C5P COA C . 12.98 8.17 9.43
O5P COA C . 14.13 7.80 9.64
N4P COA C . 12.69 9.14 8.55
C3P COA C . 13.69 9.81 7.74
C2P COA C . 14.54 10.76 8.55
S1P COA C . 15.89 11.48 7.56
C1 EDO D . 12.68 24.96 -14.03
O1 EDO D . 13.94 25.17 -14.66
C2 EDO D . 12.47 25.82 -12.83
O2 EDO D . 12.40 27.20 -13.07
C1 EDO E . 10.56 12.54 -20.45
O1 EDO E . 11.27 12.72 -21.66
C2 EDO E . 11.05 11.38 -19.67
O2 EDO E . 12.33 11.58 -19.09
C TRS F . 20.38 20.67 -12.67
C1 TRS F . 21.67 20.07 -13.22
C2 TRS F . 19.31 19.59 -12.55
C3 TRS F . 20.64 21.34 -11.32
N TRS F . 19.89 21.72 -13.63
O1 TRS F . 22.32 19.24 -12.26
O2 TRS F . 18.23 19.79 -13.47
O3 TRS F . 21.05 20.42 -10.32
C1 EDO G . 9.88 29.23 7.70
O1 EDO G . 10.30 28.42 8.78
C2 EDO G . 11.01 29.98 7.07
O2 EDO G . 10.69 30.65 5.87
N1A ACO H . -13.86 -4.11 7.42
C2A ACO H . -13.10 -3.65 6.43
N3A ACO H . -13.36 -2.70 5.53
C4A ACO H . -14.58 -2.17 5.74
C5A ACO H . -15.47 -2.53 6.72
C6A ACO H . -15.08 -3.56 7.62
N6A ACO H . -15.86 -4.00 8.60
N7A ACO H . -16.63 -1.78 6.62
C8A ACO H . -16.42 -0.98 5.60
N9A ACO H . -15.18 -1.17 5.03
C1B ACO H . -14.69 -0.46 3.84
C2B ACO H . -13.24 0.01 3.79
O2B ACO H . -13.00 1.22 4.47
C3B ACO H . -13.11 0.22 2.28
O3B ACO H . -13.82 1.39 1.88
P3B ACO H . -13.50 1.99 0.40
O7A ACO H . -14.78 2.66 -0.06
O8A ACO H . -12.38 2.99 0.60
O9A ACO H . -13.08 0.86 -0.52
C4B ACO H . -13.77 -1.05 1.78
O4B ACO H . -14.81 -1.34 2.75
C5B ACO H . -12.87 -2.24 1.65
O5B ACO H . -13.66 -3.43 1.39
P1A ACO H . -12.87 -4.75 0.97
O1A ACO H . -13.65 -5.95 1.41
O2A ACO H . -11.46 -4.63 1.42
O3A ACO H . -12.92 -4.66 -0.62
P2A ACO H . -13.92 -4.05 -1.71
O4A ACO H . -15.32 -4.11 -1.19
O5A ACO H . -13.37 -2.74 -2.19
O6A ACO H . -13.79 -5.12 -2.90
CBP ACO H . -12.74 -6.15 -4.82
CCP ACO H . -12.53 -5.26 -3.60
CDP ACO H . -13.12 -7.56 -4.33
CEP ACO H . -11.44 -6.23 -5.62
CAP ACO H . -13.87 -5.61 -5.69
OAP ACO H . -13.59 -4.26 -6.05
C9P ACO H . -14.13 -6.41 -6.96
O9P ACO H . -14.81 -7.44 -6.91
N8P ACO H . -13.61 -5.94 -8.09
C7P ACO H . -13.98 -6.44 -9.42
C6P ACO H . -13.44 -7.83 -9.70
C5P ACO H . -11.93 -7.89 -9.76
O5P ACO H . -11.27 -7.06 -10.39
N4P ACO H . -11.35 -8.90 -9.08
C3P ACO H . -10.11 -9.52 -9.51
C2P ACO H . -8.91 -8.68 -9.17
S1P ACO H . -7.34 -9.57 -9.28
C ACO H . -7.68 -10.98 -8.29
O ACO H . -8.43 -10.97 -7.34
CH3 ACO H . -6.94 -12.19 -8.75
C1 PEG I . 3.73 -24.65 8.82
O1 PEG I . 4.03 -23.30 8.56
C2 PEG I . 3.97 -25.02 10.26
O2 PEG I . 4.13 -26.42 10.38
C3 PEG I . 4.85 -26.81 11.55
C4 PEG I . 6.33 -26.60 11.35
O4 PEG I . 7.06 -27.81 11.35
C1 PEG J . -26.05 -21.33 6.38
O1 PEG J . -26.39 -20.24 7.22
C2 PEG J . -25.35 -22.43 7.12
O2 PEG J . -24.61 -23.24 6.22
C3 PEG J . -25.41 -23.86 5.21
C4 PEG J . -24.83 -25.19 4.84
O4 PEG J . -24.66 -26.04 5.96
C1 PGE K . 6.32 -20.14 9.02
O1 PGE K . 5.95 -21.36 8.40
C2 PGE K . 5.87 -20.09 10.44
O2 PGE K . 4.58 -19.48 10.56
C3 PGE K . 3.72 -20.17 11.45
C4 PGE K . 2.56 -20.71 10.67
O3 PGE K . 1.50 -21.05 11.56
C TRS L . 9.80 -13.11 5.06
C1 TRS L . 10.73 -12.88 6.24
C2 TRS L . 10.07 -14.47 4.43
C3 TRS L . 8.35 -12.98 5.51
N TRS L . 10.06 -12.05 4.02
O1 TRS L . 10.69 -13.94 7.18
O2 TRS L . 10.00 -15.53 5.38
O3 TRS L . 8.03 -13.82 6.61
C1 EDO M . -8.54 -17.67 -9.72
O1 EDO M . -9.17 -18.53 -10.65
C2 EDO M . -9.16 -17.72 -8.37
O2 EDO M . -8.39 -17.09 -7.36
#